data_4RMC
#
_entry.id   4RMC
#
_cell.length_a   65.846
_cell.length_b   65.846
_cell.length_c   112.563
_cell.angle_alpha   90.00
_cell.angle_beta   90.00
_cell.angle_gamma   90.00
#
_symmetry.space_group_name_H-M   'P 43 21 2'
#
loop_
_entity.id
_entity.type
_entity.pdbx_description
1 polymer 'Retinoic acid receptor RXR-alpha'
2 polymer 'Nuclear receptor coactivator 2'
3 non-polymer '(3S,7S,8E)-8-[3-ethyl-2-(3-methylbutyl)cyclohex-2-en-1-ylidene]-3,7-dimethyloctanoic acid'
4 water water
#
loop_
_entity_poly.entity_id
_entity_poly.type
_entity_poly.pdbx_seq_one_letter_code
_entity_poly.pdbx_strand_id
1 'polypeptide(L)'
;EDMPVERILEAELAVEPKTETYVEANMGLNPSSPNDPVTNICQAADKQLFTLVEWAKRIPHFSELPLDDQVILLRAGWNE
LLIASFSHRSIAVKDGILLATGLHVHRNSAHSAGVGAIFDRVLTELVSKMRDMQMDKTELGCLRAIVLFNPDSKGLSNPA
EVEALREKVYASLEAYCKHKYPEQPGRFAKLLLRLPALRSIGLKCLEHLFFFKLIGDTPIDTFLMEMLEAP
;
A
2 'polypeptide(L)' KHKILHRLLQDSS B
#
# COMPACT_ATOMS: atom_id res chain seq x y z
N GLU A 1 -12.19 10.91 -16.47
CA GLU A 1 -12.90 12.22 -16.53
C GLU A 1 -12.89 12.92 -15.17
N ASP A 2 -11.74 13.47 -14.81
CA ASP A 2 -11.51 14.18 -13.55
C ASP A 2 -10.75 13.31 -12.55
N MET A 3 -9.47 13.09 -12.85
CA MET A 3 -8.57 12.29 -12.01
C MET A 3 -7.15 12.85 -12.21
N PRO A 4 -6.90 14.09 -11.76
CA PRO A 4 -5.60 14.75 -11.90
C PRO A 4 -4.49 14.26 -10.96
N VAL A 5 -3.33 13.95 -11.54
CA VAL A 5 -2.19 13.47 -10.76
C VAL A 5 -1.81 14.43 -9.64
N GLU A 6 -2.22 15.70 -9.77
CA GLU A 6 -1.90 16.68 -8.75
C GLU A 6 -2.60 16.37 -7.43
N ARG A 7 -3.88 16.04 -7.49
CA ARG A 7 -4.66 15.72 -6.29
C ARG A 7 -4.10 14.46 -5.64
N ILE A 8 -3.64 13.53 -6.47
CA ILE A 8 -3.06 12.27 -6.01
C ILE A 8 -1.78 12.53 -5.22
N LEU A 9 -0.90 13.35 -5.79
CA LEU A 9 0.35 13.67 -5.13
C LEU A 9 0.06 14.34 -3.79
N GLU A 10 -0.99 15.15 -3.73
CA GLU A 10 -1.37 15.85 -2.51
C GLU A 10 -1.80 14.87 -1.41
N ALA A 11 -2.45 13.78 -1.80
CA ALA A 11 -2.87 12.78 -0.84
C ALA A 11 -1.64 12.12 -0.25
N GLU A 12 -0.62 11.95 -1.07
CA GLU A 12 0.64 11.35 -0.64
C GLU A 12 1.45 12.27 0.27
N LEU A 13 1.62 13.53 -0.15
CA LEU A 13 2.38 14.47 0.66
C LEU A 13 1.65 14.84 1.95
N ALA A 14 0.33 14.69 1.97
CA ALA A 14 -0.44 15.02 3.15
C ALA A 14 -0.39 13.93 4.23
N VAL A 15 -0.25 12.69 3.81
CA VAL A 15 -0.22 11.59 4.76
C VAL A 15 1.16 11.24 5.29
N GLU A 16 2.21 11.60 4.57
CA GLU A 16 3.55 11.25 5.03
C GLU A 16 4.61 12.35 4.84
N PRO A 17 5.03 12.98 5.95
CA PRO A 17 6.03 14.04 5.94
C PRO A 17 7.45 13.53 5.63
N ASN A 35 11.52 -4.39 20.75
CA ASN A 35 12.83 -4.93 20.40
C ASN A 35 12.74 -6.03 19.34
N ASP A 36 11.64 -6.77 19.34
CA ASP A 36 11.42 -7.82 18.35
C ASP A 36 11.02 -7.08 17.07
N PRO A 37 11.92 -7.05 16.06
CA PRO A 37 11.61 -6.35 14.82
C PRO A 37 10.19 -6.61 14.31
N VAL A 38 9.68 -7.83 14.47
CA VAL A 38 8.33 -8.17 14.02
C VAL A 38 7.25 -7.43 14.82
N THR A 39 7.48 -7.24 16.11
CA THR A 39 6.53 -6.53 16.96
C THR A 39 6.51 -5.06 16.59
N ASN A 40 7.68 -4.51 16.30
CA ASN A 40 7.82 -3.11 15.92
C ASN A 40 7.12 -2.91 14.57
N ILE A 41 7.26 -3.89 13.70
CA ILE A 41 6.64 -3.85 12.38
C ILE A 41 5.11 -3.82 12.53
N CYS A 42 4.57 -4.66 13.42
CA CYS A 42 3.13 -4.71 13.63
C CYS A 42 2.59 -3.41 14.25
N GLN A 43 3.36 -2.80 15.14
CA GLN A 43 2.95 -1.55 15.77
C GLN A 43 2.86 -0.46 14.69
N ALA A 44 3.80 -0.49 13.75
CA ALA A 44 3.83 0.48 12.68
C ALA A 44 2.66 0.28 11.72
N ALA A 45 2.33 -0.97 11.43
CA ALA A 45 1.26 -1.28 10.51
C ALA A 45 -0.08 -0.81 11.09
N ASP A 46 -0.25 -0.99 12.39
CA ASP A 46 -1.49 -0.57 13.02
C ASP A 46 -1.56 0.94 12.90
N LYS A 47 -0.42 1.58 13.14
CA LYS A 47 -0.32 3.03 13.06
C LYS A 47 -0.70 3.51 11.67
N GLN A 48 -0.09 2.90 10.65
CA GLN A 48 -0.36 3.30 9.28
C GLN A 48 -1.78 3.04 8.81
N LEU A 49 -2.49 2.13 9.46
CA LEU A 49 -3.85 1.83 9.03
C LEU A 49 -4.79 3.04 9.17
N PHE A 50 -4.57 3.86 10.19
CA PHE A 50 -5.41 5.03 10.39
C PHE A 50 -5.12 6.07 9.29
N THR A 51 -3.83 6.31 9.06
CA THR A 51 -3.38 7.24 8.05
C THR A 51 -3.87 6.85 6.66
N LEU A 52 -3.89 5.54 6.39
CA LEU A 52 -4.34 5.04 5.10
C LEU A 52 -5.80 5.41 4.85
N VAL A 53 -6.58 5.52 5.92
CA VAL A 53 -7.98 5.89 5.77
C VAL A 53 -8.08 7.34 5.33
N GLU A 54 -7.27 8.19 5.94
CA GLU A 54 -7.25 9.61 5.60
C GLU A 54 -6.70 9.79 4.19
N TRP A 55 -5.77 8.92 3.80
CA TRP A 55 -5.18 8.98 2.47
C TRP A 55 -6.24 8.70 1.42
N ALA A 56 -6.96 7.61 1.61
CA ALA A 56 -8.02 7.19 0.68
C ALA A 56 -9.03 8.31 0.48
N LYS A 57 -9.46 8.90 1.60
CA LYS A 57 -10.42 10.01 1.59
C LYS A 57 -9.94 11.14 0.69
N ARG A 58 -8.63 11.33 0.61
CA ARG A 58 -8.03 12.37 -0.21
C ARG A 58 -7.91 11.97 -1.67
N ILE A 59 -8.22 10.72 -1.99
CA ILE A 59 -8.12 10.30 -3.38
C ILE A 59 -9.44 10.61 -4.08
N PRO A 60 -9.37 11.39 -5.17
CA PRO A 60 -10.53 11.80 -5.94
C PRO A 60 -11.55 10.71 -6.19
N HIS A 61 -12.80 11.02 -5.88
CA HIS A 61 -13.93 10.13 -6.08
C HIS A 61 -14.03 8.92 -5.17
N PHE A 62 -13.00 8.66 -4.38
CA PHE A 62 -13.06 7.52 -3.48
C PHE A 62 -14.22 7.66 -2.50
N SER A 63 -14.32 8.85 -1.90
CA SER A 63 -15.35 9.14 -0.91
C SER A 63 -16.75 9.17 -1.44
N GLU A 64 -16.92 9.33 -2.75
CA GLU A 64 -18.25 9.39 -3.33
C GLU A 64 -18.85 7.99 -3.49
N LEU A 65 -18.02 6.96 -3.31
CA LEU A 65 -18.50 5.59 -3.42
C LEU A 65 -19.26 5.26 -2.15
N PRO A 66 -20.16 4.26 -2.20
CA PRO A 66 -20.91 3.89 -1.00
C PRO A 66 -19.98 3.35 0.08
N LEU A 67 -20.23 3.74 1.32
CA LEU A 67 -19.43 3.32 2.48
C LEU A 67 -19.04 1.85 2.46
N ASP A 68 -19.92 1.00 1.96
CA ASP A 68 -19.64 -0.44 1.90
C ASP A 68 -18.52 -0.76 0.92
N ASP A 69 -18.46 -0.04 -0.19
CA ASP A 69 -17.43 -0.25 -1.19
C ASP A 69 -16.09 0.35 -0.73
N GLN A 70 -16.15 1.37 0.12
CA GLN A 70 -14.96 2.00 0.66
C GLN A 70 -14.31 1.03 1.64
N VAL A 71 -15.14 0.28 2.35
CA VAL A 71 -14.69 -0.70 3.32
C VAL A 71 -14.09 -1.90 2.59
N ILE A 72 -14.78 -2.37 1.55
CA ILE A 72 -14.30 -3.50 0.76
C ILE A 72 -12.93 -3.18 0.14
N LEU A 73 -12.84 -2.04 -0.54
CA LEU A 73 -11.59 -1.61 -1.17
C LEU A 73 -10.40 -1.49 -0.21
N LEU A 74 -10.63 -0.97 0.98
CA LEU A 74 -9.54 -0.84 1.94
C LEU A 74 -9.20 -2.19 2.59
N ARG A 75 -10.21 -3.02 2.82
CA ARG A 75 -9.94 -4.32 3.41
C ARG A 75 -9.23 -5.23 2.40
N ALA A 76 -9.52 -5.01 1.12
CA ALA A 76 -8.92 -5.81 0.07
C ALA A 76 -7.49 -5.40 -0.26
N GLY A 77 -7.17 -4.13 -0.08
CA GLY A 77 -5.83 -3.68 -0.42
C GLY A 77 -4.91 -3.09 0.63
N TRP A 78 -5.41 -2.88 1.84
CA TRP A 78 -4.58 -2.30 2.87
C TRP A 78 -3.14 -2.84 2.94
N ASN A 79 -2.95 -4.15 2.77
CA ASN A 79 -1.60 -4.70 2.85
C ASN A 79 -0.70 -4.25 1.70
N GLU A 80 -1.12 -4.41 0.46
CA GLU A 80 -0.29 -3.96 -0.67
C GLU A 80 -0.05 -2.45 -0.56
N LEU A 81 -1.13 -1.70 -0.28
CA LEU A 81 -1.03 -0.26 -0.14
C LEU A 81 0.02 0.15 0.88
N LEU A 82 0.06 -0.55 2.01
CA LEU A 82 1.02 -0.25 3.07
C LEU A 82 2.43 -0.73 2.73
N ILE A 83 2.54 -1.78 1.93
CA ILE A 83 3.84 -2.29 1.55
C ILE A 83 4.51 -1.39 0.51
N ALA A 84 3.72 -0.82 -0.39
CA ALA A 84 4.25 0.07 -1.42
C ALA A 84 4.83 1.31 -0.73
N SER A 85 4.08 1.88 0.22
CA SER A 85 4.51 3.06 0.94
C SER A 85 5.88 2.97 1.64
N PHE A 86 6.04 2.02 2.56
CA PHE A 86 7.32 1.93 3.25
C PHE A 86 8.47 1.43 2.38
N SER A 87 8.13 0.82 1.25
CA SER A 87 9.16 0.35 0.33
C SER A 87 9.77 1.59 -0.31
N HIS A 88 8.91 2.43 -0.87
CA HIS A 88 9.35 3.65 -1.53
C HIS A 88 10.00 4.58 -0.50
N ARG A 89 9.57 4.49 0.74
CA ARG A 89 10.12 5.31 1.81
C ARG A 89 11.54 4.86 2.14
N SER A 90 11.84 3.59 1.88
CA SER A 90 13.14 3.00 2.18
C SER A 90 14.16 3.02 1.06
N ILE A 91 13.82 3.72 -0.02
CA ILE A 91 14.71 3.80 -1.18
C ILE A 91 16.13 4.28 -0.86
N ALA A 92 16.27 5.19 0.09
CA ALA A 92 17.59 5.71 0.44
C ALA A 92 18.32 4.86 1.46
N VAL A 93 17.59 3.95 2.10
CA VAL A 93 18.19 3.10 3.12
C VAL A 93 19.13 2.07 2.50
N LYS A 94 20.19 1.73 3.21
CA LYS A 94 21.18 0.75 2.74
C LYS A 94 20.51 -0.61 2.54
N ASP A 95 20.48 -1.43 3.59
CA ASP A 95 19.87 -2.76 3.53
C ASP A 95 18.80 -2.93 4.59
N GLY A 96 17.73 -2.15 4.48
CA GLY A 96 16.66 -2.25 5.46
C GLY A 96 15.55 -1.27 5.11
N ILE A 97 14.43 -1.39 5.81
CA ILE A 97 13.32 -0.48 5.54
C ILE A 97 13.15 0.51 6.68
N LEU A 98 12.60 1.67 6.37
CA LEU A 98 12.37 2.72 7.35
C LEU A 98 10.88 2.73 7.76
N LEU A 99 10.58 2.24 8.96
CA LEU A 99 9.20 2.19 9.44
C LEU A 99 8.68 3.59 9.73
N ALA A 100 7.34 3.74 9.75
CA ALA A 100 6.71 5.03 10.00
C ALA A 100 6.88 5.47 11.45
N THR A 101 7.09 4.50 12.33
CA THR A 101 7.32 4.80 13.74
C THR A 101 8.69 5.47 13.89
N GLY A 102 9.35 5.71 12.76
CA GLY A 102 10.66 6.34 12.78
C GLY A 102 11.74 5.37 13.16
N LEU A 103 11.49 4.08 12.93
CA LEU A 103 12.45 3.04 13.27
C LEU A 103 12.99 2.27 12.04
N HIS A 104 14.28 1.93 12.06
CA HIS A 104 14.88 1.21 10.95
C HIS A 104 15.01 -0.28 11.25
N VAL A 105 14.69 -1.11 10.27
CA VAL A 105 14.80 -2.55 10.43
C VAL A 105 15.79 -3.04 9.41
N HIS A 106 17.01 -3.32 9.86
CA HIS A 106 18.07 -3.78 8.98
C HIS A 106 17.93 -5.25 8.60
N ARG A 107 18.32 -5.55 7.37
CA ARG A 107 18.27 -6.89 6.83
C ARG A 107 18.61 -7.98 7.85
N ASN A 108 19.74 -7.81 8.53
CA ASN A 108 20.18 -8.77 9.54
C ASN A 108 19.21 -8.90 10.71
N SER A 109 18.62 -7.78 11.13
CA SER A 109 17.67 -7.81 12.22
C SER A 109 16.50 -8.69 11.83
N ALA A 110 15.97 -8.48 10.63
CA ALA A 110 14.85 -9.26 10.13
C ALA A 110 15.24 -10.74 9.96
N HIS A 111 16.50 -11.00 9.63
CA HIS A 111 16.98 -12.36 9.44
C HIS A 111 17.02 -13.13 10.75
N SER A 112 17.53 -12.50 11.81
CA SER A 112 17.64 -13.13 13.12
C SER A 112 16.31 -13.21 13.88
N ALA A 113 15.25 -12.71 13.26
CA ALA A 113 13.93 -12.75 13.88
C ALA A 113 13.14 -13.85 13.16
N GLY A 114 13.75 -14.43 12.13
CA GLY A 114 13.10 -15.50 11.39
C GLY A 114 12.29 -15.12 10.16
N VAL A 115 12.28 -13.85 9.79
CA VAL A 115 11.52 -13.40 8.62
C VAL A 115 12.42 -12.84 7.53
N GLY A 116 13.61 -13.42 7.37
CA GLY A 116 14.54 -12.94 6.37
C GLY A 116 14.13 -13.14 4.92
N ALA A 117 13.48 -14.26 4.61
CA ALA A 117 13.05 -14.55 3.25
C ALA A 117 12.11 -13.48 2.67
N ILE A 118 11.01 -13.20 3.38
CA ILE A 118 10.07 -12.20 2.90
C ILE A 118 10.73 -10.83 2.88
N PHE A 119 11.50 -10.53 3.93
CA PHE A 119 12.18 -9.24 4.00
C PHE A 119 13.09 -9.08 2.78
N ASP A 120 13.76 -10.16 2.41
CA ASP A 120 14.65 -10.11 1.25
C ASP A 120 13.86 -9.91 -0.05
N ARG A 121 12.66 -10.48 -0.12
CA ARG A 121 11.85 -10.30 -1.32
C ARG A 121 11.40 -8.84 -1.42
N VAL A 122 11.18 -8.19 -0.29
CA VAL A 122 10.77 -6.79 -0.32
C VAL A 122 11.93 -5.91 -0.77
N LEU A 123 13.14 -6.22 -0.32
CA LEU A 123 14.31 -5.45 -0.70
C LEU A 123 14.65 -5.59 -2.17
N THR A 124 14.61 -6.83 -2.67
CA THR A 124 14.93 -7.15 -4.05
C THR A 124 13.85 -6.82 -5.09
N GLU A 125 12.63 -7.28 -4.84
CA GLU A 125 11.54 -7.06 -5.78
C GLU A 125 10.90 -5.70 -5.70
N LEU A 126 11.04 -5.02 -4.57
CA LEU A 126 10.43 -3.71 -4.43
C LEU A 126 11.36 -2.52 -4.24
N VAL A 127 11.93 -2.38 -3.05
CA VAL A 127 12.83 -1.26 -2.72
C VAL A 127 13.90 -1.01 -3.78
N SER A 128 14.61 -2.08 -4.16
CA SER A 128 15.67 -2.00 -5.17
C SER A 128 15.18 -1.48 -6.52
N LYS A 129 14.07 -2.06 -7.01
CA LYS A 129 13.53 -1.65 -8.30
C LYS A 129 13.06 -0.20 -8.28
N MET A 130 12.39 0.22 -7.21
CA MET A 130 11.93 1.60 -7.12
C MET A 130 13.13 2.53 -7.18
N ARG A 131 14.25 2.09 -6.60
CA ARG A 131 15.48 2.88 -6.58
C ARG A 131 16.16 2.90 -7.94
N ASP A 132 16.24 1.75 -8.62
CA ASP A 132 16.87 1.69 -9.93
C ASP A 132 16.19 2.59 -10.96
N MET A 133 14.88 2.79 -10.84
CA MET A 133 14.17 3.63 -11.79
C MET A 133 13.77 4.98 -11.22
N GLN A 134 14.27 5.30 -10.04
CA GLN A 134 13.96 6.57 -9.39
C GLN A 134 12.47 6.89 -9.43
N MET A 135 11.65 5.93 -9.03
CA MET A 135 10.21 6.14 -9.02
C MET A 135 9.93 7.36 -8.15
N ASP A 136 9.12 8.29 -8.65
CA ASP A 136 8.82 9.50 -7.87
C ASP A 136 7.50 9.39 -7.09
N LYS A 137 7.34 10.25 -6.07
CA LYS A 137 6.14 10.27 -5.23
C LYS A 137 4.82 10.29 -6.00
N THR A 138 4.81 10.98 -7.14
CA THR A 138 3.61 11.07 -7.95
C THR A 138 3.29 9.71 -8.54
N GLU A 139 4.32 9.05 -9.05
CA GLU A 139 4.16 7.73 -9.66
C GLU A 139 3.68 6.73 -8.60
N LEU A 140 4.21 6.87 -7.38
CA LEU A 140 3.81 5.97 -6.30
C LEU A 140 2.32 6.18 -6.05
N GLY A 141 1.96 7.43 -5.73
CA GLY A 141 0.57 7.75 -5.47
C GLY A 141 -0.38 7.08 -6.43
N CYS A 142 -0.05 7.11 -7.72
CA CYS A 142 -0.91 6.51 -8.73
C CYS A 142 -0.94 5.00 -8.61
N LEU A 143 0.22 4.37 -8.46
CA LEU A 143 0.25 2.93 -8.33
C LEU A 143 -0.59 2.52 -7.14
N ARG A 144 -0.54 3.30 -6.06
CA ARG A 144 -1.35 2.98 -4.89
C ARG A 144 -2.83 3.22 -5.17
N ALA A 145 -3.12 4.21 -6.02
CA ALA A 145 -4.50 4.55 -6.38
C ALA A 145 -5.07 3.48 -7.29
N ILE A 146 -4.23 2.89 -8.12
CA ILE A 146 -4.65 1.83 -9.03
C ILE A 146 -4.94 0.57 -8.20
N VAL A 147 -4.16 0.38 -7.14
CA VAL A 147 -4.35 -0.75 -6.26
C VAL A 147 -5.60 -0.56 -5.43
N LEU A 148 -5.83 0.66 -4.94
CA LEU A 148 -7.02 0.93 -4.14
C LEU A 148 -8.26 0.59 -4.96
N PHE A 149 -8.30 1.08 -6.20
CA PHE A 149 -9.44 0.85 -7.08
C PHE A 149 -9.43 -0.53 -7.75
N ASN A 150 -9.45 -1.59 -6.94
CA ASN A 150 -9.43 -2.96 -7.45
C ASN A 150 -10.82 -3.49 -7.78
N PRO A 151 -11.20 -3.46 -9.07
CA PRO A 151 -12.52 -3.94 -9.49
C PRO A 151 -12.78 -5.42 -9.19
N ASP A 152 -11.73 -6.17 -8.93
CA ASP A 152 -11.86 -7.60 -8.63
C ASP A 152 -12.27 -7.92 -7.18
N SER A 153 -12.37 -6.90 -6.34
CA SER A 153 -12.73 -7.12 -4.94
C SER A 153 -14.12 -7.74 -4.80
N LYS A 154 -14.20 -8.86 -4.08
CA LYS A 154 -15.47 -9.53 -3.88
C LYS A 154 -16.40 -8.64 -3.05
N GLY A 155 -17.69 -8.64 -3.38
CA GLY A 155 -18.63 -7.84 -2.62
C GLY A 155 -19.05 -6.52 -3.24
N LEU A 156 -18.20 -5.98 -4.10
CA LEU A 156 -18.48 -4.70 -4.74
C LEU A 156 -19.91 -4.63 -5.30
N SER A 157 -20.61 -3.54 -4.96
CA SER A 157 -21.99 -3.35 -5.42
C SER A 157 -22.05 -2.89 -6.87
N ASN A 158 -20.99 -2.25 -7.35
CA ASN A 158 -20.92 -1.79 -8.73
C ASN A 158 -19.47 -1.80 -9.18
N PRO A 159 -18.92 -3.00 -9.44
CA PRO A 159 -17.53 -3.15 -9.88
C PRO A 159 -17.16 -2.33 -11.12
N ALA A 160 -18.06 -2.24 -12.09
CA ALA A 160 -17.80 -1.47 -13.31
C ALA A 160 -17.40 -0.03 -12.97
N GLU A 161 -18.07 0.55 -11.98
CA GLU A 161 -17.77 1.91 -11.54
C GLU A 161 -16.32 1.97 -11.06
N VAL A 162 -15.92 1.02 -10.23
CA VAL A 162 -14.56 0.96 -9.71
C VAL A 162 -13.55 0.76 -10.83
N GLU A 163 -13.95 0.05 -11.87
CA GLU A 163 -13.08 -0.20 -13.00
C GLU A 163 -12.86 1.10 -13.77
N ALA A 164 -13.87 1.96 -13.75
CA ALA A 164 -13.78 3.25 -14.44
C ALA A 164 -12.72 4.11 -13.75
N LEU A 165 -12.79 4.18 -12.44
CA LEU A 165 -11.84 4.97 -11.68
C LEU A 165 -10.42 4.48 -11.92
N ARG A 166 -10.23 3.17 -11.96
CA ARG A 166 -8.89 2.60 -12.18
C ARG A 166 -8.32 2.99 -13.53
N GLU A 167 -9.19 3.08 -14.54
CA GLU A 167 -8.76 3.44 -15.89
C GLU A 167 -8.38 4.93 -15.97
N LYS A 168 -9.08 5.78 -15.22
CA LYS A 168 -8.77 7.20 -15.24
C LYS A 168 -7.42 7.42 -14.58
N VAL A 169 -7.14 6.63 -13.54
CA VAL A 169 -5.88 6.73 -12.81
C VAL A 169 -4.67 6.35 -13.64
N TYR A 170 -4.73 5.24 -14.36
CA TYR A 170 -3.57 4.85 -15.13
C TYR A 170 -3.47 5.58 -16.46
N ALA A 171 -4.50 6.36 -16.76
CA ALA A 171 -4.50 7.14 -17.99
C ALA A 171 -3.70 8.40 -17.63
N SER A 172 -3.99 8.96 -16.46
CA SER A 172 -3.29 10.16 -15.99
C SER A 172 -1.84 9.86 -15.72
N LEU A 173 -1.55 8.61 -15.33
CA LEU A 173 -0.18 8.19 -15.03
C LEU A 173 0.63 8.07 -16.31
N GLU A 174 0.04 7.47 -17.34
CA GLU A 174 0.73 7.33 -18.62
C GLU A 174 0.97 8.74 -19.18
N ALA A 175 0.02 9.64 -18.90
CA ALA A 175 0.12 11.02 -19.33
C ALA A 175 1.28 11.69 -18.62
N TYR A 176 1.35 11.51 -17.30
CA TYR A 176 2.41 12.06 -16.48
C TYR A 176 3.74 11.53 -17.01
N CYS A 177 3.78 10.24 -17.30
CA CYS A 177 4.97 9.62 -17.87
C CYS A 177 4.86 10.06 -19.32
N LYS A 178 5.82 9.71 -20.15
CA LYS A 178 5.79 10.12 -21.57
C LYS A 178 5.97 11.63 -21.66
N HIS A 179 5.43 12.35 -20.68
CA HIS A 179 5.56 13.79 -20.63
C HIS A 179 6.69 14.19 -19.68
N LYS A 180 6.83 13.48 -18.56
CA LYS A 180 7.86 13.78 -17.58
C LYS A 180 9.13 12.93 -17.81
N TYR A 181 8.98 11.84 -18.53
CA TYR A 181 10.12 10.97 -18.83
C TYR A 181 10.08 10.56 -20.30
N PRO A 182 10.07 11.55 -21.21
CA PRO A 182 10.03 11.31 -22.65
C PRO A 182 11.08 10.30 -23.11
N GLU A 183 12.30 10.47 -22.62
CA GLU A 183 13.40 9.57 -22.99
C GLU A 183 13.08 8.11 -22.69
N GLN A 184 12.14 7.87 -21.77
CA GLN A 184 11.76 6.51 -21.36
C GLN A 184 10.37 6.10 -21.85
N PRO A 185 10.26 5.61 -23.09
CA PRO A 185 8.95 5.19 -23.60
C PRO A 185 8.32 4.02 -22.84
N GLY A 186 9.16 3.20 -22.20
CA GLY A 186 8.64 2.04 -21.49
C GLY A 186 8.50 2.19 -19.98
N ARG A 187 8.47 3.42 -19.50
CA ARG A 187 8.35 3.65 -18.07
C ARG A 187 6.97 3.28 -17.52
N PHE A 188 5.91 3.56 -18.28
CA PHE A 188 4.56 3.27 -17.84
C PHE A 188 4.39 1.79 -17.52
N ALA A 189 4.85 0.94 -18.44
CA ALA A 189 4.75 -0.50 -18.24
C ALA A 189 5.62 -0.97 -17.07
N LYS A 190 6.85 -0.46 -17.01
CA LYS A 190 7.78 -0.84 -15.96
C LYS A 190 7.15 -0.64 -14.58
N LEU A 191 6.36 0.42 -14.44
CA LEU A 191 5.67 0.74 -13.19
C LEU A 191 4.53 -0.23 -12.89
N LEU A 192 3.73 -0.56 -13.89
CA LEU A 192 2.61 -1.47 -13.70
C LEU A 192 3.11 -2.89 -13.47
N LEU A 193 4.31 -3.17 -13.97
CA LEU A 193 4.86 -4.51 -13.83
C LEU A 193 5.43 -4.84 -12.47
N ARG A 194 5.26 -3.93 -11.52
CA ARG A 194 5.73 -4.19 -10.15
C ARG A 194 4.50 -4.68 -9.39
N LEU A 195 3.32 -4.48 -9.98
CA LEU A 195 2.06 -4.86 -9.36
C LEU A 195 1.91 -6.37 -9.11
N PRO A 196 2.43 -7.22 -10.01
CA PRO A 196 2.29 -8.65 -9.74
C PRO A 196 3.14 -9.02 -8.52
N ALA A 197 4.33 -8.43 -8.46
CA ALA A 197 5.25 -8.66 -7.36
C ALA A 197 4.62 -8.20 -6.04
N LEU A 198 4.11 -6.98 -6.03
CA LEU A 198 3.47 -6.42 -4.85
C LEU A 198 2.34 -7.33 -4.35
N ARG A 199 1.49 -7.79 -5.26
CA ARG A 199 0.38 -8.65 -4.89
C ARG A 199 0.90 -9.95 -4.25
N SER A 200 1.97 -10.49 -4.81
CA SER A 200 2.57 -11.72 -4.35
C SER A 200 3.16 -11.54 -2.96
N ILE A 201 3.96 -10.49 -2.80
CA ILE A 201 4.58 -10.19 -1.51
C ILE A 201 3.49 -9.83 -0.49
N GLY A 202 2.37 -9.29 -0.98
CA GLY A 202 1.30 -8.94 -0.07
C GLY A 202 0.63 -10.16 0.50
N LEU A 203 0.44 -11.19 -0.33
CA LEU A 203 -0.19 -12.42 0.10
C LEU A 203 0.68 -13.16 1.10
N LYS A 204 1.98 -13.15 0.85
CA LYS A 204 2.91 -13.81 1.73
C LYS A 204 2.95 -13.10 3.09
N CYS A 205 2.93 -11.78 3.09
CA CYS A 205 2.96 -11.04 4.33
C CYS A 205 1.74 -11.34 5.20
N LEU A 206 0.57 -11.46 4.58
CA LEU A 206 -0.64 -11.76 5.34
C LEU A 206 -0.56 -13.14 5.97
N GLU A 207 -0.03 -14.12 5.23
CA GLU A 207 0.09 -15.47 5.76
C GLU A 207 0.86 -15.39 7.08
N HIS A 208 1.97 -14.66 7.07
CA HIS A 208 2.81 -14.49 8.25
C HIS A 208 2.01 -13.86 9.37
N LEU A 209 1.22 -12.84 9.03
CA LEU A 209 0.40 -12.15 10.01
C LEU A 209 -0.60 -13.10 10.65
N PHE A 210 -1.15 -14.01 9.85
CA PHE A 210 -2.10 -14.98 10.38
C PHE A 210 -1.40 -16.00 11.26
N PHE A 211 -0.17 -16.33 10.92
CA PHE A 211 0.56 -17.28 11.73
C PHE A 211 0.92 -16.66 13.08
N PHE A 212 1.39 -15.40 13.05
CA PHE A 212 1.76 -14.70 14.28
C PHE A 212 0.56 -14.63 15.21
N LYS A 213 -0.61 -14.40 14.65
CA LYS A 213 -1.83 -14.30 15.43
C LYS A 213 -2.10 -15.64 16.11
N LEU A 214 -2.03 -16.70 15.32
CA LEU A 214 -2.28 -18.06 15.81
C LEU A 214 -1.31 -18.41 16.94
N ILE A 215 -0.02 -18.22 16.70
CA ILE A 215 1.03 -18.53 17.66
C ILE A 215 0.78 -17.94 19.03
N GLY A 216 0.19 -16.76 19.09
CA GLY A 216 -0.10 -16.15 20.38
C GLY A 216 0.90 -15.10 20.83
N ASP A 217 2.10 -15.15 20.28
CA ASP A 217 3.09 -14.16 20.65
C ASP A 217 2.81 -12.96 19.73
N THR A 218 3.67 -11.95 19.79
CA THR A 218 3.49 -10.77 18.94
C THR A 218 2.18 -10.04 19.23
N PRO A 219 2.27 -8.85 19.85
CA PRO A 219 1.08 -8.07 20.17
C PRO A 219 0.47 -7.53 18.89
N ILE A 220 -0.85 -7.66 18.74
CA ILE A 220 -1.51 -7.16 17.55
C ILE A 220 -2.61 -6.19 17.95
N ASP A 221 -2.46 -4.93 17.58
CA ASP A 221 -3.43 -3.90 17.95
C ASP A 221 -4.77 -3.98 17.23
N THR A 222 -5.78 -3.42 17.87
CA THR A 222 -7.17 -3.45 17.39
C THR A 222 -7.45 -3.20 15.91
N PHE A 223 -6.79 -2.22 15.31
CA PHE A 223 -7.07 -1.93 13.91
C PHE A 223 -6.43 -2.96 13.00
N LEU A 224 -5.25 -3.43 13.36
CA LEU A 224 -4.59 -4.44 12.55
C LEU A 224 -5.35 -5.75 12.75
N MET A 225 -5.81 -5.99 13.98
CA MET A 225 -6.56 -7.19 14.29
C MET A 225 -7.85 -7.22 13.47
N GLU A 226 -8.54 -6.09 13.44
CA GLU A 226 -9.80 -5.99 12.69
C GLU A 226 -9.60 -6.35 11.22
N MET A 227 -8.42 -6.07 10.68
CA MET A 227 -8.17 -6.39 9.27
C MET A 227 -8.06 -7.88 9.01
N LEU A 228 -7.71 -8.65 10.04
CA LEU A 228 -7.57 -10.09 9.94
C LEU A 228 -8.88 -10.82 10.26
N GLU A 229 -9.99 -10.10 10.24
CA GLU A 229 -11.29 -10.69 10.51
C GLU A 229 -11.86 -11.27 9.21
N ALA A 230 -13.01 -11.92 9.32
CA ALA A 230 -13.65 -12.51 8.15
C ALA A 230 -14.58 -11.47 7.52
N PRO A 231 -14.78 -11.54 6.20
CA PRO A 231 -14.19 -12.53 5.29
C PRO A 231 -12.69 -12.31 5.10
N LYS B 1 -19.78 -5.97 11.92
CA LYS B 1 -18.35 -6.24 11.59
C LYS B 1 -17.64 -5.01 11.03
N HIS B 2 -16.33 -4.94 11.24
CA HIS B 2 -15.50 -3.82 10.78
C HIS B 2 -15.84 -2.51 11.48
N LYS B 3 -16.04 -2.54 12.80
CA LYS B 3 -16.38 -1.33 13.56
C LYS B 3 -15.46 -0.12 13.31
N ILE B 4 -14.20 -0.27 13.66
CA ILE B 4 -13.21 0.80 13.49
C ILE B 4 -13.20 1.42 12.09
N LEU B 5 -13.05 0.59 11.06
CA LEU B 5 -13.01 1.08 9.70
C LEU B 5 -14.21 1.94 9.34
N HIS B 6 -15.41 1.52 9.72
CA HIS B 6 -16.61 2.27 9.40
C HIS B 6 -16.60 3.64 10.05
N ARG B 7 -16.24 3.68 11.33
CA ARG B 7 -16.20 4.93 12.08
C ARG B 7 -15.23 5.91 11.46
N LEU B 8 -14.04 5.44 11.12
CA LEU B 8 -13.04 6.30 10.53
C LEU B 8 -13.46 6.87 9.18
N LEU B 9 -14.27 6.13 8.44
CA LEU B 9 -14.74 6.55 7.13
C LEU B 9 -15.88 7.55 7.14
N GLN B 10 -16.77 7.41 8.12
CA GLN B 10 -17.91 8.32 8.25
C GLN B 10 -17.42 9.68 8.71
N ASP B 11 -16.43 9.68 9.59
CA ASP B 11 -15.89 10.93 10.10
C ASP B 11 -15.13 11.70 9.01
#